data_8K70
#
_entry.id   8K70
#
_cell.length_a   108.110
_cell.length_b   108.110
_cell.length_c   250.803
_cell.angle_alpha   90.00
_cell.angle_beta   90.00
_cell.angle_gamma   120.00
#
_symmetry.space_group_name_H-M   'P 61'
#
loop_
_entity.id
_entity.type
_entity.pdbx_description
1 polymer 'Putative Rho GTPase-activating protein C1565.02c'
2 non-polymer 'TETRAETHYLENE GLYCOL'
#
_entity_poly.entity_id   1
_entity_poly.type   'polypeptide(L)'
_entity_poly.pdbx_seq_one_letter_code
;GPEFEHDLERLCFIGGYDNDNDKVIVVVTKNLELFKKYDDINLIKEAYNHVHKLIQKDERYTAVFFAHDSTVFSYLGLSL
KAYYGMDYYLHKNVKAVYVIHTDWMSKVAIRTLLSIASAKFTRKFRYLNSISDLNKYIPLSHLKLPPIVYEF
;
_entity_poly.pdbx_strand_id   A,B,C,D
#
loop_
_chem_comp.id
_chem_comp.type
_chem_comp.name
_chem_comp.formula
PG4 non-polymer 'TETRAETHYLENE GLYCOL' 'C8 H18 O5'
#
# COMPACT_ATOMS: atom_id res chain seq x y z
N GLY A 1 18.53 28.15 3.54
CA GLY A 1 17.93 29.02 2.53
C GLY A 1 18.55 28.78 1.16
N PRO A 2 19.71 29.41 0.90
CA PRO A 2 20.56 28.91 -0.19
C PRO A 2 21.25 27.61 0.19
N GLU A 3 21.66 27.47 1.46
CA GLU A 3 22.19 26.19 1.94
C GLU A 3 21.19 25.06 1.71
N PHE A 4 19.89 25.35 1.84
CA PHE A 4 18.88 24.32 1.60
C PHE A 4 18.80 23.96 0.12
N GLU A 5 18.90 24.94 -0.78
CA GLU A 5 18.85 24.61 -2.19
C GLU A 5 20.06 23.78 -2.61
N HIS A 6 21.20 23.96 -1.94
CA HIS A 6 22.42 23.23 -2.26
C HIS A 6 22.34 21.78 -1.82
N ASP A 7 21.82 21.55 -0.60
CA ASP A 7 21.58 20.20 -0.12
C ASP A 7 20.56 19.48 -1.00
N LEU A 8 19.65 20.22 -1.63
CA LEU A 8 18.73 19.60 -2.58
C LEU A 8 19.50 19.04 -3.78
N GLU A 9 20.42 19.85 -4.34
CA GLU A 9 21.18 19.38 -5.50
C GLU A 9 22.20 18.29 -5.11
N ARG A 10 22.61 18.23 -3.84
CA ARG A 10 23.46 17.13 -3.44
C ARG A 10 22.69 15.82 -3.35
N LEU A 11 21.37 15.91 -3.08
CA LEU A 11 20.50 14.74 -2.94
C LEU A 11 20.03 14.22 -4.28
N CYS A 12 19.49 15.09 -5.12
CA CYS A 12 18.99 14.72 -6.46
C CYS A 12 19.54 15.71 -7.48
N PHE A 13 20.28 15.19 -8.47
CA PHE A 13 20.87 16.03 -9.49
C PHE A 13 20.82 15.29 -10.82
N ILE A 14 21.11 16.02 -11.91
CA ILE A 14 21.35 15.35 -13.19
C ILE A 14 22.74 14.75 -13.18
N GLY A 15 22.86 13.47 -13.49
CA GLY A 15 24.14 12.82 -13.40
C GLY A 15 24.98 12.85 -14.67
N GLY A 16 24.31 12.70 -15.83
CA GLY A 16 24.92 12.60 -17.14
C GLY A 16 23.90 12.40 -18.26
N TYR A 17 24.26 11.72 -19.36
CA TYR A 17 23.32 11.44 -20.46
C TYR A 17 23.59 10.06 -21.08
N ASP A 18 22.63 9.56 -21.88
CA ASP A 18 22.85 8.32 -22.64
C ASP A 18 22.62 8.64 -24.12
N ASN A 19 21.65 8.00 -24.77
CA ASN A 19 21.37 8.25 -26.19
C ASN A 19 19.89 7.96 -26.47
N ASP A 20 19.20 8.90 -27.13
CA ASP A 20 19.68 10.13 -27.77
C ASP A 20 19.89 11.32 -26.79
N ASN A 21 20.95 11.22 -25.98
CA ASN A 21 21.37 12.26 -25.04
C ASN A 21 20.23 12.65 -24.08
N ASP A 22 19.70 11.64 -23.38
CA ASP A 22 18.63 11.82 -22.41
C ASP A 22 19.20 11.86 -21.00
N LYS A 23 18.64 12.72 -20.15
CA LYS A 23 19.19 12.94 -18.81
C LYS A 23 19.14 11.67 -17.97
N VAL A 24 20.24 11.39 -17.28
CA VAL A 24 20.30 10.37 -16.23
C VAL A 24 20.28 11.11 -14.90
N ILE A 25 19.16 11.10 -14.16
CA ILE A 25 19.11 11.87 -12.92
C ILE A 25 19.37 10.93 -11.75
N VAL A 26 20.46 11.21 -11.00
CA VAL A 26 20.87 10.44 -9.85
C VAL A 26 20.18 10.99 -8.60
N VAL A 27 19.72 10.10 -7.72
CA VAL A 27 19.42 10.49 -6.34
C VAL A 27 20.26 9.59 -5.42
N VAL A 28 21.08 10.22 -4.58
CA VAL A 28 21.85 9.53 -3.54
C VAL A 28 21.03 9.63 -2.25
N THR A 29 20.46 8.49 -1.84
CA THR A 29 19.48 8.47 -0.77
C THR A 29 20.11 8.80 0.58
N LYS A 30 21.36 8.37 0.81
CA LYS A 30 22.02 8.62 2.09
C LYS A 30 22.10 10.10 2.41
N ASN A 31 21.79 10.97 1.45
CA ASN A 31 21.89 12.41 1.60
C ASN A 31 20.63 13.04 2.18
N LEU A 32 19.58 12.25 2.48
CA LEU A 32 18.53 12.82 3.30
C LEU A 32 19.05 13.23 4.69
N GLU A 33 20.28 12.84 5.10
CA GLU A 33 20.84 13.33 6.37
C GLU A 33 20.95 14.82 6.41
N LEU A 34 21.18 15.43 5.26
CA LEU A 34 21.52 16.84 5.29
C LEU A 34 20.35 17.67 5.77
N PHE A 35 19.14 17.13 5.72
CA PHE A 35 17.94 17.89 6.03
C PHE A 35 17.50 17.74 7.48
N LYS A 36 18.07 16.78 8.21
CA LYS A 36 17.81 16.69 9.64
C LYS A 36 18.25 17.95 10.37
N LYS A 37 19.22 18.69 9.81
CA LYS A 37 19.68 19.91 10.47
C LYS A 37 18.61 20.99 10.48
N TYR A 38 17.59 20.89 9.64
CA TYR A 38 16.69 22.01 9.38
C TYR A 38 15.50 22.03 10.33
N ASP A 39 14.85 23.19 10.39
CA ASP A 39 13.61 23.40 11.13
C ASP A 39 12.58 24.02 10.19
N ASP A 40 11.31 23.60 10.36
CA ASP A 40 10.17 23.91 9.51
C ASP A 40 10.21 23.05 8.25
N ILE A 41 9.89 23.64 7.09
CA ILE A 41 9.95 23.08 5.73
C ILE A 41 9.17 21.77 5.52
N ASN A 42 8.49 21.66 4.39
CA ASN A 42 7.91 20.39 3.93
C ASN A 42 8.90 19.80 2.93
N LEU A 43 9.85 18.98 3.44
CA LEU A 43 10.94 18.47 2.59
C LEU A 43 10.40 17.76 1.36
N ILE A 44 9.33 17.00 1.52
CA ILE A 44 8.80 16.22 0.42
C ILE A 44 8.27 17.10 -0.71
N LYS A 45 7.62 18.23 -0.37
CA LYS A 45 7.12 19.16 -1.40
C LYS A 45 8.26 19.91 -2.06
N GLU A 46 9.31 20.24 -1.29
CA GLU A 46 10.48 20.90 -1.87
C GLU A 46 11.16 20.01 -2.89
N ALA A 47 11.30 18.71 -2.56
CA ALA A 47 11.95 17.76 -3.46
C ALA A 47 11.12 17.52 -4.70
N TYR A 48 9.79 17.46 -4.56
CA TYR A 48 8.95 17.37 -5.75
C TYR A 48 9.14 18.60 -6.63
N ASN A 49 9.26 19.78 -6.00
CA ASN A 49 9.50 21.02 -6.75
C ASN A 49 10.82 20.98 -7.49
N HIS A 50 11.87 20.51 -6.80
CA HIS A 50 13.21 20.40 -7.37
C HIS A 50 13.22 19.48 -8.60
N VAL A 51 12.56 18.32 -8.53
CA VAL A 51 12.58 17.40 -9.67
C VAL A 51 11.89 18.02 -10.87
N HIS A 52 10.83 18.82 -10.62
CA HIS A 52 10.11 19.47 -11.71
C HIS A 52 11.02 20.36 -12.53
N LYS A 53 11.95 21.06 -11.86
CA LYS A 53 12.92 21.85 -12.59
C LYS A 53 14.00 20.99 -13.24
N LEU A 54 14.22 19.76 -12.74
CA LEU A 54 15.22 18.87 -13.31
C LEU A 54 14.73 18.08 -14.53
N ILE A 55 13.41 17.89 -14.67
CA ILE A 55 12.88 17.15 -15.82
C ILE A 55 11.58 17.80 -16.26
N GLN A 56 11.58 18.37 -17.47
CA GLN A 56 10.39 18.97 -18.06
C GLN A 56 9.45 17.88 -18.56
N LYS A 57 8.20 18.30 -18.87
CA LYS A 57 7.05 17.43 -19.10
C LYS A 57 7.37 16.25 -20.01
N ASP A 58 7.17 16.39 -21.31
CA ASP A 58 7.46 15.26 -22.22
C ASP A 58 8.95 15.35 -22.58
N GLU A 59 9.73 14.41 -22.01
CA GLU A 59 11.17 14.28 -22.14
C GLU A 59 11.62 13.02 -21.40
N ARG A 60 12.15 12.03 -22.13
CA ARG A 60 12.52 10.75 -21.53
C ARG A 60 13.78 10.89 -20.67
N TYR A 61 13.93 10.00 -19.69
CA TYR A 61 15.08 10.07 -18.80
C TYR A 61 15.22 8.75 -18.05
N THR A 62 16.37 8.59 -17.42
CA THR A 62 16.70 7.43 -16.62
C THR A 62 16.93 7.85 -15.16
N ALA A 63 16.49 7.01 -14.24
CA ALA A 63 16.59 7.28 -12.81
C ALA A 63 17.53 6.28 -12.18
N VAL A 64 18.32 6.74 -11.21
CA VAL A 64 19.26 5.87 -10.50
C VAL A 64 19.19 6.20 -9.02
N PHE A 65 18.82 5.22 -8.20
CA PHE A 65 18.78 5.41 -6.76
C PHE A 65 20.01 4.73 -6.17
N PHE A 66 20.90 5.53 -5.58
CA PHE A 66 22.13 5.02 -4.97
C PHE A 66 21.87 4.81 -3.48
N ALA A 67 21.76 3.55 -3.06
CA ALA A 67 21.57 3.23 -1.64
C ALA A 67 22.30 1.92 -1.32
N HIS A 68 23.62 2.00 -1.18
CA HIS A 68 24.41 0.82 -0.86
C HIS A 68 24.66 0.68 0.64
N ASP A 69 24.19 1.61 1.46
CA ASP A 69 24.54 1.64 2.88
C ASP A 69 23.66 0.66 3.68
N SER A 70 23.68 0.77 5.02
CA SER A 70 22.89 -0.11 5.89
C SER A 70 22.46 0.60 7.15
N THR A 71 22.31 -0.15 8.24
CA THR A 71 21.86 0.34 9.57
C THR A 71 20.40 0.81 9.43
N VAL A 72 19.96 1.74 10.31
CA VAL A 72 18.57 2.17 10.48
C VAL A 72 17.85 2.13 9.16
N PHE A 73 18.56 2.51 8.11
CA PHE A 73 17.89 2.72 6.85
C PHE A 73 18.94 3.10 5.82
N SER A 74 18.71 2.66 4.58
CA SER A 74 19.53 3.04 3.45
C SER A 74 19.04 4.36 2.83
N TYR A 75 17.85 4.84 3.29
CA TYR A 75 16.97 5.93 2.81
C TYR A 75 16.28 5.61 1.49
N LEU A 76 16.36 4.36 1.02
CA LEU A 76 15.87 3.92 -0.27
C LEU A 76 14.36 3.72 -0.24
N GLY A 77 13.82 3.18 0.86
CA GLY A 77 12.38 3.10 1.00
C GLY A 77 11.72 4.47 1.06
N LEU A 78 12.32 5.40 1.79
CA LEU A 78 11.73 6.73 1.95
C LEU A 78 11.78 7.54 0.67
N SER A 79 12.82 7.35 -0.13
CA SER A 79 12.89 8.08 -1.40
C SER A 79 12.20 7.35 -2.54
N LEU A 80 12.03 6.01 -2.45
CA LEU A 80 11.16 5.33 -3.41
C LEU A 80 9.69 5.66 -3.15
N LYS A 81 9.27 5.69 -1.87
CA LYS A 81 7.92 6.13 -1.53
C LYS A 81 7.65 7.52 -2.08
N ALA A 82 8.60 8.44 -1.88
CA ALA A 82 8.46 9.77 -2.45
C ALA A 82 8.33 9.70 -3.97
N TYR A 83 9.09 8.80 -4.61
CA TYR A 83 9.07 8.72 -6.07
C TYR A 83 7.71 8.25 -6.58
N TYR A 84 7.00 7.45 -5.78
CA TYR A 84 5.76 6.83 -6.26
C TYR A 84 4.59 7.80 -6.28
N GLY A 85 4.65 8.88 -5.51
CA GLY A 85 3.61 9.91 -5.49
C GLY A 85 3.91 11.13 -6.34
N MET A 86 4.77 10.97 -7.34
CA MET A 86 5.09 12.02 -8.30
C MET A 86 4.13 11.99 -9.48
N ASP A 87 4.08 13.11 -10.21
CA ASP A 87 3.13 13.27 -11.29
C ASP A 87 3.27 12.14 -12.31
N TYR A 88 2.14 11.81 -12.95
CA TYR A 88 2.11 10.64 -13.81
C TYR A 88 3.13 10.74 -14.95
N TYR A 89 3.40 11.94 -15.45
CA TYR A 89 4.30 12.06 -16.60
C TYR A 89 5.70 11.61 -16.25
N LEU A 90 6.08 11.69 -14.97
CA LEU A 90 7.42 11.26 -14.59
C LEU A 90 7.56 9.74 -14.59
N HIS A 91 6.45 9.02 -14.39
CA HIS A 91 6.48 7.57 -14.50
C HIS A 91 6.32 7.09 -15.95
N LYS A 92 5.46 7.75 -16.73
CA LYS A 92 5.29 7.36 -18.14
C LYS A 92 6.60 7.48 -18.89
N ASN A 93 7.39 8.51 -18.57
CA ASN A 93 8.50 8.94 -19.38
C ASN A 93 9.85 8.44 -18.86
N VAL A 94 9.89 7.72 -17.74
CA VAL A 94 11.16 7.19 -17.26
C VAL A 94 11.49 5.94 -18.09
N LYS A 95 12.74 5.88 -18.58
CA LYS A 95 13.16 4.72 -19.37
C LYS A 95 13.38 3.50 -18.47
N ALA A 96 14.20 3.64 -17.42
CA ALA A 96 14.50 2.59 -16.47
C ALA A 96 14.78 3.23 -15.11
N VAL A 97 14.69 2.44 -14.05
CA VAL A 97 14.93 2.94 -12.69
C VAL A 97 15.86 1.96 -12.02
N TYR A 98 17.15 2.27 -11.97
CA TYR A 98 18.12 1.39 -11.34
C TYR A 98 18.19 1.72 -9.87
N VAL A 99 17.96 0.72 -9.04
CA VAL A 99 18.08 0.85 -7.60
C VAL A 99 19.29 0.03 -7.20
N ILE A 100 20.35 0.70 -6.73
CA ILE A 100 21.62 0.05 -6.36
C ILE A 100 21.57 -0.21 -4.86
N HIS A 101 21.14 -1.41 -4.49
CA HIS A 101 21.07 -1.85 -3.10
C HIS A 101 21.31 -3.34 -3.06
N THR A 102 22.03 -3.76 -2.03
CA THR A 102 22.31 -5.16 -1.76
C THR A 102 21.03 -5.89 -1.36
N ASP A 103 20.55 -5.62 -0.14
CA ASP A 103 19.38 -6.26 0.43
C ASP A 103 18.18 -5.45 -0.05
N TRP A 104 17.76 -5.74 -1.28
CA TRP A 104 16.63 -4.96 -1.79
C TRP A 104 15.32 -5.69 -1.62
N MET A 105 15.32 -7.01 -1.80
CA MET A 105 14.09 -7.79 -1.77
C MET A 105 13.30 -7.57 -0.48
N SER A 106 13.97 -7.50 0.66
CA SER A 106 13.25 -7.41 1.92
C SER A 106 12.46 -6.11 2.02
N LYS A 107 12.87 -5.08 1.28
CA LYS A 107 12.15 -3.82 1.25
C LYS A 107 10.99 -3.87 0.26
N VAL A 108 11.26 -4.26 -0.98
CA VAL A 108 10.26 -4.23 -2.04
C VAL A 108 9.39 -5.47 -2.06
N ALA A 109 9.58 -6.40 -1.12
CA ALA A 109 8.61 -7.48 -0.94
C ALA A 109 7.23 -6.93 -0.59
N ILE A 110 7.16 -5.86 0.21
CA ILE A 110 5.85 -5.30 0.58
C ILE A 110 5.17 -4.65 -0.61
N ARG A 111 5.91 -3.85 -1.39
CA ARG A 111 5.31 -3.19 -2.56
C ARG A 111 4.97 -4.19 -3.65
N THR A 112 5.69 -5.31 -3.75
CA THR A 112 5.34 -6.32 -4.74
C THR A 112 3.98 -6.92 -4.43
N LEU A 113 3.68 -7.15 -3.15
CA LEU A 113 2.39 -7.71 -2.80
C LEU A 113 1.26 -6.71 -3.03
N LEU A 114 1.45 -5.46 -2.61
CA LEU A 114 0.43 -4.44 -2.85
C LEU A 114 0.14 -4.24 -4.33
N SER A 115 1.14 -4.40 -5.20
CA SER A 115 0.86 -4.31 -6.63
C SER A 115 0.07 -5.51 -7.12
N ILE A 116 0.48 -6.71 -6.70
CA ILE A 116 -0.25 -7.93 -7.01
C ILE A 116 -1.72 -7.77 -6.66
N ALA A 117 -1.99 -7.38 -5.42
CA ALA A 117 -3.37 -7.25 -4.94
C ALA A 117 -4.07 -5.98 -5.44
N SER A 118 -3.37 -5.06 -6.11
CA SER A 118 -4.02 -3.89 -6.70
C SER A 118 -5.11 -4.35 -7.68
N ALA A 119 -6.30 -3.77 -7.55
CA ALA A 119 -7.42 -4.21 -8.39
C ALA A 119 -7.31 -3.66 -9.81
N LYS A 120 -7.99 -4.35 -10.75
CA LYS A 120 -8.14 -3.83 -12.11
C LYS A 120 -8.94 -2.53 -12.12
N PHE A 121 -9.85 -2.38 -11.16
CA PHE A 121 -10.63 -1.16 -11.03
C PHE A 121 -9.71 0.02 -10.74
N THR A 122 -8.84 -0.13 -9.73
CA THR A 122 -7.86 0.89 -9.40
C THR A 122 -6.98 1.24 -10.59
N ARG A 123 -6.73 0.27 -11.47
CA ARG A 123 -5.83 0.54 -12.59
C ARG A 123 -6.49 1.44 -13.64
N LYS A 124 -7.83 1.57 -13.59
CA LYS A 124 -8.64 2.42 -14.46
C LYS A 124 -8.60 3.92 -14.10
N PHE A 125 -8.05 4.27 -12.93
CA PHE A 125 -8.08 5.65 -12.42
C PHE A 125 -7.01 6.52 -13.05
N ARG A 126 -7.20 7.83 -12.95
CA ARG A 126 -6.16 8.80 -13.27
C ARG A 126 -6.53 10.10 -12.58
N TYR A 127 -5.53 10.71 -11.94
CA TYR A 127 -5.70 12.03 -11.32
C TYR A 127 -5.32 13.10 -12.33
N LEU A 128 -6.15 14.13 -12.45
CA LEU A 128 -5.85 15.31 -13.23
C LEU A 128 -5.81 16.52 -12.29
N ASN A 129 -4.92 17.46 -12.57
CA ASN A 129 -4.75 18.59 -11.66
C ASN A 129 -5.85 19.64 -11.85
N SER A 130 -6.22 19.93 -13.09
CA SER A 130 -7.21 20.95 -13.40
C SER A 130 -8.26 20.36 -14.31
N ILE A 131 -9.47 20.91 -14.24
CA ILE A 131 -10.56 20.51 -15.13
C ILE A 131 -10.16 20.68 -16.59
N SER A 132 -9.22 21.59 -16.86
CA SER A 132 -8.70 21.78 -18.21
C SER A 132 -7.99 20.52 -18.72
N ASP A 133 -7.24 19.84 -17.85
CA ASP A 133 -6.47 18.67 -18.28
C ASP A 133 -7.34 17.50 -18.71
N LEU A 134 -8.61 17.51 -18.33
CA LEU A 134 -9.55 16.46 -18.69
C LEU A 134 -9.89 16.47 -20.17
N ASN A 135 -9.69 17.62 -20.84
CA ASN A 135 -10.02 17.76 -22.26
C ASN A 135 -9.33 16.70 -23.10
N LYS A 136 -8.10 16.34 -22.75
CA LYS A 136 -7.35 15.36 -23.53
C LYS A 136 -8.16 14.09 -23.73
N TYR A 137 -8.86 13.66 -22.68
CA TYR A 137 -9.43 12.32 -22.64
C TYR A 137 -10.90 12.29 -22.98
N ILE A 138 -11.67 13.24 -22.43
CA ILE A 138 -13.07 13.41 -22.78
C ILE A 138 -13.25 14.88 -23.17
N PRO A 139 -13.81 15.18 -24.35
CA PRO A 139 -13.96 16.58 -24.77
C PRO A 139 -14.98 17.31 -23.91
N LEU A 140 -14.61 18.49 -23.39
CA LEU A 140 -15.49 19.18 -22.44
C LEU A 140 -16.73 19.81 -23.10
N SER A 141 -16.68 20.13 -24.40
CA SER A 141 -17.86 20.66 -25.07
C SER A 141 -19.06 19.72 -24.94
N HIS A 142 -18.83 18.41 -24.86
CA HIS A 142 -19.89 17.40 -24.76
C HIS A 142 -20.62 17.40 -23.41
N LEU A 143 -20.31 18.29 -22.47
CA LEU A 143 -20.72 18.08 -21.07
C LEU A 143 -21.30 19.33 -20.41
N LYS A 144 -22.32 19.11 -19.57
CA LYS A 144 -22.74 20.11 -18.60
C LYS A 144 -21.82 20.05 -17.38
N LEU A 145 -21.19 21.15 -17.07
CA LEU A 145 -20.33 21.09 -15.91
C LEU A 145 -20.95 21.86 -14.76
N PRO A 146 -20.80 21.37 -13.52
CA PRO A 146 -21.38 22.10 -12.40
C PRO A 146 -20.76 23.48 -12.28
N PRO A 147 -21.49 24.45 -11.75
CA PRO A 147 -20.96 25.82 -11.68
C PRO A 147 -19.62 25.92 -10.96
N ILE A 148 -19.26 24.89 -10.19
CA ILE A 148 -18.11 24.93 -9.31
C ILE A 148 -16.79 24.92 -10.08
N VAL A 149 -16.77 24.40 -11.32
CA VAL A 149 -15.55 24.46 -12.12
C VAL A 149 -15.48 25.81 -12.84
N TYR A 150 -16.36 26.74 -12.48
CA TYR A 150 -16.37 28.09 -13.07
C TYR A 150 -16.06 29.19 -12.04
N GLU A 151 -15.92 30.42 -12.55
CA GLU A 151 -15.71 31.59 -11.68
C GLU A 151 -16.52 32.76 -12.25
N PHE A 152 -17.84 32.59 -12.37
CA PHE A 152 -18.71 33.68 -12.90
C PHE A 152 -18.28 35.01 -12.27
N GLY B 1 25.72 -6.03 21.10
CA GLY B 1 25.44 -7.22 21.89
C GLY B 1 24.42 -6.97 22.98
N PRO B 2 24.91 -6.75 24.24
CA PRO B 2 24.01 -6.31 25.31
C PRO B 2 23.64 -4.84 25.13
N GLU B 3 24.60 -4.02 24.67
CA GLU B 3 24.29 -2.64 24.32
C GLU B 3 23.16 -2.56 23.31
N PHE B 4 23.06 -3.54 22.42
CA PHE B 4 21.97 -3.56 21.43
C PHE B 4 20.62 -3.83 22.10
N GLU B 5 20.55 -4.85 22.97
CA GLU B 5 19.29 -5.15 23.64
C GLU B 5 18.81 -4.01 24.53
N HIS B 6 19.75 -3.17 25.00
CA HIS B 6 19.42 -2.00 25.82
C HIS B 6 18.90 -0.84 24.98
N ASP B 7 19.44 -0.69 23.76
CA ASP B 7 18.87 0.26 22.81
C ASP B 7 17.50 -0.19 22.34
N LEU B 8 17.26 -1.51 22.31
CA LEU B 8 15.92 -1.99 22.00
C LEU B 8 14.94 -1.53 23.06
N GLU B 9 15.36 -1.59 24.34
CA GLU B 9 14.47 -1.21 25.42
C GLU B 9 14.23 0.30 25.46
N ARG B 10 15.15 1.11 24.95
CA ARG B 10 14.88 2.54 24.87
C ARG B 10 13.93 2.90 23.75
N LEU B 11 13.79 2.04 22.75
CA LEU B 11 12.92 2.22 21.60
C LEU B 11 11.51 1.72 21.89
N CYS B 12 11.38 0.52 22.43
CA CYS B 12 10.09 -0.05 22.76
C CYS B 12 10.13 -0.66 24.16
N PHE B 13 9.13 -0.33 24.99
CA PHE B 13 9.09 -0.81 26.37
C PHE B 13 7.68 -0.66 26.92
N ILE B 14 7.41 -1.35 28.02
CA ILE B 14 6.17 -1.11 28.76
C ILE B 14 6.36 0.11 29.65
N GLY B 15 5.62 1.18 29.39
CA GLY B 15 5.71 2.40 30.16
C GLY B 15 4.91 2.40 31.46
N GLY B 16 3.80 1.66 31.47
CA GLY B 16 2.92 1.62 32.62
C GLY B 16 1.78 0.65 32.42
N TYR B 17 0.67 0.84 33.15
CA TYR B 17 -0.56 0.07 32.97
C TYR B 17 -1.80 0.97 33.14
N ASP B 18 -2.88 0.64 32.41
CA ASP B 18 -4.13 1.37 32.54
C ASP B 18 -4.99 0.77 33.66
N ASN B 19 -6.15 1.38 33.92
CA ASN B 19 -7.13 0.74 34.79
C ASN B 19 -7.79 -0.41 34.02
N ASP B 20 -7.90 -1.56 34.69
CA ASP B 20 -8.18 -2.88 34.14
C ASP B 20 -6.83 -3.58 34.03
N ASN B 21 -5.76 -2.81 34.30
CA ASN B 21 -4.38 -3.28 34.57
C ASN B 21 -3.83 -4.15 33.44
N ASP B 22 -3.61 -3.47 32.31
CA ASP B 22 -3.04 -4.06 31.10
C ASP B 22 -1.86 -3.23 30.67
N LYS B 23 -0.93 -3.84 29.94
CA LYS B 23 0.29 -3.14 29.57
C LYS B 23 0.00 -1.98 28.65
N VAL B 24 0.74 -0.89 28.84
CA VAL B 24 0.78 0.22 27.89
C VAL B 24 2.20 0.26 27.35
N ILE B 25 2.43 -0.36 26.20
CA ILE B 25 3.79 -0.35 25.67
C ILE B 25 3.95 0.83 24.73
N VAL B 26 5.00 1.62 24.96
CA VAL B 26 5.25 2.82 24.18
C VAL B 26 6.40 2.52 23.23
N VAL B 27 6.43 3.24 22.11
CA VAL B 27 7.63 3.27 21.28
C VAL B 27 7.97 4.74 21.11
N VAL B 28 9.11 5.15 21.67
CA VAL B 28 9.71 6.47 21.48
C VAL B 28 10.40 6.39 20.13
N THR B 29 9.68 6.72 19.04
CA THR B 29 10.16 6.43 17.69
C THR B 29 11.59 6.92 17.51
N LYS B 30 11.76 8.23 17.34
CA LYS B 30 13.03 8.96 17.46
C LYS B 30 14.23 8.05 17.70
N ASN B 31 14.26 7.38 18.85
CA ASN B 31 15.34 6.48 19.26
C ASN B 31 15.79 5.42 18.24
N LEU B 32 15.21 5.36 17.03
CA LEU B 32 15.78 4.47 16.02
C LEU B 32 17.16 4.90 15.57
N GLU B 33 17.54 6.15 15.79
CA GLU B 33 18.88 6.58 15.39
C GLU B 33 19.96 5.86 16.19
N LEU B 34 19.63 5.33 17.38
CA LEU B 34 20.64 4.60 18.13
C LEU B 34 21.16 3.40 17.39
N PHE B 35 20.47 2.98 16.33
CA PHE B 35 20.87 1.78 15.62
C PHE B 35 21.72 2.07 14.38
N LYS B 36 21.78 3.35 13.96
CA LYS B 36 22.66 3.75 12.88
C LYS B 36 24.12 3.39 13.18
N LYS B 37 24.47 3.26 14.45
CA LYS B 37 25.85 2.97 14.83
C LYS B 37 26.24 1.51 14.61
N TYR B 38 25.35 0.65 14.10
CA TYR B 38 25.61 -0.77 14.11
C TYR B 38 26.05 -1.31 12.75
N ASP B 39 26.79 -2.42 12.79
CA ASP B 39 27.32 -3.09 11.62
C ASP B 39 26.20 -3.71 10.79
N ASP B 40 25.99 -5.02 10.96
CA ASP B 40 25.02 -5.75 10.16
C ASP B 40 24.07 -6.48 11.10
N ILE B 41 22.79 -6.15 11.01
CA ILE B 41 21.74 -6.72 11.84
C ILE B 41 20.41 -6.52 11.10
N ASN B 42 19.59 -7.54 11.02
CA ASN B 42 18.23 -7.28 10.57
C ASN B 42 17.50 -6.65 11.76
N LEU B 43 17.48 -5.31 11.80
CA LEU B 43 16.88 -4.60 12.92
C LEU B 43 15.39 -4.93 13.06
N ILE B 44 14.63 -4.82 11.96
CA ILE B 44 13.18 -5.04 12.03
C ILE B 44 12.85 -6.44 12.55
N LYS B 45 13.66 -7.46 12.21
CA LYS B 45 13.41 -8.81 12.72
C LYS B 45 13.69 -8.88 14.21
N GLU B 46 14.83 -8.31 14.64
CA GLU B 46 15.15 -8.30 16.06
C GLU B 46 14.13 -7.49 16.86
N ALA B 47 13.59 -6.42 16.25
CA ALA B 47 12.57 -5.60 16.91
C ALA B 47 11.25 -6.34 17.04
N TYR B 48 10.87 -7.14 16.02
CA TYR B 48 9.66 -7.95 16.15
C TYR B 48 9.82 -8.97 17.26
N ASN B 49 11.03 -9.55 17.38
CA ASN B 49 11.33 -10.51 18.45
C ASN B 49 11.21 -9.87 19.83
N HIS B 50 11.65 -8.60 19.95
CA HIS B 50 11.57 -7.89 21.22
C HIS B 50 10.11 -7.67 21.65
N VAL B 51 9.26 -7.17 20.74
CA VAL B 51 7.83 -6.98 21.04
C VAL B 51 7.18 -8.30 21.44
N HIS B 52 7.54 -9.39 20.76
CA HIS B 52 6.95 -10.72 21.00
C HIS B 52 7.12 -11.15 22.45
N LYS B 53 8.21 -10.72 23.10
CA LYS B 53 8.43 -11.06 24.50
C LYS B 53 7.88 -9.99 25.44
N LEU B 54 7.66 -8.77 24.93
CA LEU B 54 7.01 -7.72 25.72
C LEU B 54 5.51 -7.97 25.88
N ILE B 55 4.87 -8.63 24.91
CA ILE B 55 3.42 -8.87 24.94
C ILE B 55 3.15 -10.29 24.47
N GLN B 56 2.70 -11.15 25.38
CA GLN B 56 2.50 -12.55 25.09
C GLN B 56 1.12 -12.79 24.45
N LYS B 57 0.93 -14.02 23.94
CA LYS B 57 0.05 -14.32 22.80
C LYS B 57 -1.42 -14.04 23.04
N ASP B 58 -1.86 -13.84 24.28
CA ASP B 58 -3.23 -13.35 24.50
C ASP B 58 -3.27 -12.55 25.80
N GLU B 59 -3.32 -11.22 25.63
CA GLU B 59 -3.50 -10.23 26.69
C GLU B 59 -3.77 -8.87 26.03
N ARG B 60 -4.92 -8.25 26.31
CA ARG B 60 -5.21 -6.99 25.66
C ARG B 60 -4.25 -5.91 26.17
N TYR B 61 -3.83 -5.03 25.28
CA TYR B 61 -2.82 -4.04 25.64
C TYR B 61 -3.08 -2.76 24.85
N THR B 62 -2.34 -1.73 25.22
CA THR B 62 -2.39 -0.41 24.59
C THR B 62 -1.01 -0.08 24.04
N ALA B 63 -0.98 0.65 22.91
CA ALA B 63 0.29 1.06 22.30
C ALA B 63 0.26 2.56 22.07
N VAL B 64 1.36 3.26 22.33
CA VAL B 64 1.44 4.67 21.99
C VAL B 64 2.80 4.97 21.34
N PHE B 65 2.78 5.74 20.25
CA PHE B 65 3.96 6.14 19.49
C PHE B 65 4.20 7.63 19.70
N PHE B 66 5.37 7.99 20.22
CA PHE B 66 5.75 9.40 20.39
C PHE B 66 6.60 9.85 19.21
N ALA B 67 6.22 10.97 18.57
CA ALA B 67 7.08 11.57 17.53
C ALA B 67 6.60 12.99 17.27
N HIS B 68 7.15 13.96 18.03
CA HIS B 68 6.57 15.30 18.11
C HIS B 68 7.10 16.23 17.03
N ASP B 69 8.43 16.41 16.94
CA ASP B 69 9.05 17.26 15.93
C ASP B 69 9.13 16.54 14.58
N SER B 70 9.04 17.34 13.49
CA SER B 70 8.94 16.78 12.14
C SER B 70 10.25 16.13 11.66
N THR B 71 11.29 16.93 11.41
CA THR B 71 12.65 16.47 11.00
C THR B 71 12.54 15.61 9.72
N VAL B 72 13.41 14.59 9.49
CA VAL B 72 13.42 13.82 8.23
C VAL B 72 13.62 12.32 8.45
N PHE B 73 12.50 11.61 8.58
CA PHE B 73 11.27 12.27 9.00
C PHE B 73 11.28 12.17 10.52
N SER B 74 10.09 12.09 11.14
CA SER B 74 10.04 11.69 12.53
C SER B 74 10.26 10.19 12.73
N TYR B 75 10.47 9.44 11.63
CA TYR B 75 10.57 7.98 11.62
C TYR B 75 9.28 7.35 12.16
N LEU B 76 8.27 8.15 12.43
CA LEU B 76 6.96 7.60 12.75
C LEU B 76 6.48 6.73 11.60
N GLY B 77 6.68 7.22 10.37
CA GLY B 77 6.46 6.46 9.16
C GLY B 77 6.99 5.03 9.21
N LEU B 78 8.28 4.84 9.55
CA LEU B 78 8.86 3.50 9.56
C LEU B 78 8.39 2.68 10.77
N SER B 79 8.01 3.34 11.87
CA SER B 79 7.60 2.60 13.06
C SER B 79 6.22 1.97 12.87
N LEU B 80 5.31 2.65 12.15
CA LEU B 80 4.01 2.05 11.91
C LEU B 80 4.04 1.05 10.74
N LYS B 81 4.89 1.28 9.71
CA LYS B 81 5.12 0.23 8.71
C LYS B 81 5.52 -1.07 9.38
N ALA B 82 6.46 -0.99 10.32
CA ALA B 82 6.83 -2.16 11.10
C ALA B 82 5.64 -2.71 11.88
N TYR B 83 4.91 -1.85 12.58
CA TYR B 83 3.80 -2.33 13.38
C TYR B 83 2.72 -2.97 12.52
N TYR B 84 2.59 -2.55 11.25
CA TYR B 84 1.52 -3.07 10.40
C TYR B 84 1.84 -4.48 9.88
N GLY B 85 3.12 -4.83 9.76
CA GLY B 85 3.51 -6.16 9.34
C GLY B 85 3.79 -7.11 10.50
N MET B 86 3.25 -6.79 11.66
CA MET B 86 3.44 -7.63 12.84
C MET B 86 2.42 -8.77 12.84
N ASP B 87 2.58 -9.68 13.80
CA ASP B 87 1.68 -10.83 13.91
C ASP B 87 0.23 -10.38 14.07
N TYR B 88 -0.70 -11.29 13.73
CA TYR B 88 -2.11 -10.91 13.75
C TYR B 88 -2.60 -10.67 15.17
N TYR B 89 -2.17 -11.50 16.13
CA TYR B 89 -2.67 -11.38 17.49
C TYR B 89 -2.35 -10.04 18.10
N LEU B 90 -1.25 -9.41 17.69
CA LEU B 90 -0.92 -8.07 18.19
C LEU B 90 -1.87 -7.00 17.69
N HIS B 91 -2.59 -7.24 16.59
CA HIS B 91 -3.56 -6.29 16.06
C HIS B 91 -4.96 -6.52 16.63
N LYS B 92 -5.37 -7.78 16.78
CA LYS B 92 -6.68 -8.07 17.35
C LYS B 92 -6.75 -7.71 18.82
N ASN B 93 -5.65 -7.91 19.55
CA ASN B 93 -5.61 -7.78 21.00
C ASN B 93 -5.31 -6.36 21.46
N VAL B 94 -4.88 -5.46 20.57
CA VAL B 94 -4.59 -4.10 21.01
C VAL B 94 -5.91 -3.39 21.27
N LYS B 95 -5.97 -2.66 22.39
CA LYS B 95 -7.16 -1.89 22.75
C LYS B 95 -7.29 -0.65 21.87
N ALA B 96 -6.24 0.19 21.88
CA ALA B 96 -6.15 1.41 21.07
C ALA B 96 -4.68 1.69 20.85
N VAL B 97 -4.35 2.44 19.79
CA VAL B 97 -2.97 2.85 19.57
C VAL B 97 -2.97 4.34 19.32
N TYR B 98 -2.10 5.07 20.03
CA TYR B 98 -2.06 6.53 20.03
C TYR B 98 -0.78 7.01 19.36
N VAL B 99 -0.90 7.85 18.35
CA VAL B 99 0.28 8.49 17.82
C VAL B 99 0.25 9.96 18.22
N ILE B 100 1.42 10.49 18.55
CA ILE B 100 1.60 11.89 18.98
C ILE B 100 2.52 12.53 17.93
N HIS B 101 1.94 13.19 16.91
CA HIS B 101 2.78 13.75 15.83
C HIS B 101 2.37 15.12 15.31
N THR B 102 1.09 15.53 15.40
CA THR B 102 0.56 16.76 14.78
C THR B 102 0.42 16.64 13.25
N ASP B 103 1.54 16.61 12.51
CA ASP B 103 1.53 16.44 11.04
C ASP B 103 1.24 15.02 10.61
N TRP B 104 0.31 14.35 11.30
CA TRP B 104 0.03 12.96 11.00
C TRP B 104 -0.66 12.82 9.65
N MET B 105 -1.57 13.74 9.33
CA MET B 105 -2.35 13.63 8.11
C MET B 105 -1.50 13.38 6.88
N SER B 106 -0.36 14.06 6.77
CA SER B 106 0.47 13.88 5.58
C SER B 106 1.02 12.46 5.53
N LYS B 107 1.45 11.92 6.68
CA LYS B 107 1.88 10.53 6.79
C LYS B 107 0.77 9.59 6.32
N VAL B 108 -0.33 9.56 7.07
CA VAL B 108 -1.32 8.49 6.94
C VAL B 108 -2.42 8.79 5.92
N ALA B 109 -2.23 9.82 5.08
CA ALA B 109 -3.13 9.99 3.94
C ALA B 109 -2.95 8.87 2.92
N ILE B 110 -1.71 8.44 2.69
CA ILE B 110 -1.45 7.31 1.78
C ILE B 110 -2.08 6.03 2.33
N ARG B 111 -1.88 5.74 3.62
CA ARG B 111 -2.41 4.49 4.19
C ARG B 111 -3.93 4.54 4.31
N THR B 112 -4.53 5.73 4.52
CA THR B 112 -6.00 5.80 4.51
C THR B 112 -6.54 5.45 3.11
N LEU B 113 -5.85 5.88 2.05
CA LEU B 113 -6.33 5.58 0.72
C LEU B 113 -6.15 4.10 0.38
N LEU B 114 -4.96 3.54 0.64
CA LEU B 114 -4.75 2.10 0.42
C LEU B 114 -5.78 1.26 1.16
N SER B 115 -6.19 1.69 2.34
CA SER B 115 -7.24 0.98 3.07
C SER B 115 -8.58 1.14 2.37
N ILE B 116 -8.88 2.33 1.85
CA ILE B 116 -10.14 2.55 1.11
C ILE B 116 -10.24 1.59 -0.07
N ALA B 117 -9.16 1.51 -0.87
CA ALA B 117 -9.09 0.70 -2.07
C ALA B 117 -8.85 -0.78 -1.81
N SER B 118 -8.48 -1.15 -0.57
CA SER B 118 -8.36 -2.57 -0.23
C SER B 118 -9.63 -3.30 -0.66
N ALA B 119 -9.44 -4.32 -1.49
CA ALA B 119 -10.57 -5.06 -2.04
C ALA B 119 -11.29 -5.83 -0.94
N LYS B 120 -12.54 -6.14 -1.22
CA LYS B 120 -13.29 -6.96 -0.26
C LYS B 120 -12.72 -8.37 -0.23
N PHE B 121 -12.22 -8.83 -1.39
CA PHE B 121 -11.59 -10.13 -1.51
C PHE B 121 -10.45 -10.30 -0.54
N THR B 122 -9.54 -9.31 -0.47
CA THR B 122 -8.32 -9.43 0.34
C THR B 122 -8.59 -9.31 1.85
N ARG B 123 -9.80 -8.92 2.29
CA ARG B 123 -10.08 -8.97 3.73
C ARG B 123 -10.39 -10.37 4.23
N LYS B 124 -10.61 -11.34 3.32
CA LYS B 124 -10.88 -12.73 3.69
C LYS B 124 -9.61 -13.51 4.09
N PHE B 125 -8.43 -13.08 3.63
CA PHE B 125 -7.17 -13.79 3.85
C PHE B 125 -6.74 -13.82 5.32
N ARG B 126 -5.98 -14.86 5.67
CA ARG B 126 -5.26 -14.92 6.93
C ARG B 126 -3.98 -15.73 6.68
N TYR B 127 -2.85 -15.23 7.19
CA TYR B 127 -1.61 -15.97 7.18
C TYR B 127 -1.55 -16.83 8.43
N LEU B 128 -1.00 -18.03 8.28
CA LEU B 128 -0.78 -18.95 9.39
C LEU B 128 0.64 -19.49 9.28
N ASN B 129 1.26 -19.78 10.44
CA ASN B 129 2.63 -20.25 10.41
C ASN B 129 2.75 -21.73 10.03
N SER B 130 2.42 -22.66 10.91
CA SER B 130 2.44 -24.06 10.49
C SER B 130 1.03 -24.49 10.10
N ILE B 131 0.94 -25.68 9.49
CA ILE B 131 -0.34 -26.20 9.08
C ILE B 131 -1.23 -26.55 10.29
N SER B 132 -0.63 -26.79 11.46
CA SER B 132 -1.44 -27.04 12.66
C SER B 132 -2.33 -25.84 12.98
N ASP B 133 -1.86 -24.62 12.68
CA ASP B 133 -2.62 -23.40 12.95
C ASP B 133 -3.90 -23.30 12.13
N LEU B 134 -4.02 -24.09 11.06
CA LEU B 134 -5.21 -24.09 10.20
C LEU B 134 -6.37 -24.84 10.83
N ASN B 135 -6.09 -25.84 11.67
CA ASN B 135 -7.10 -26.34 12.59
C ASN B 135 -7.75 -25.18 13.32
N LYS B 136 -8.94 -25.38 13.88
CA LYS B 136 -9.70 -24.31 14.55
C LYS B 136 -10.41 -23.45 13.50
N TYR B 137 -9.79 -23.28 12.33
CA TYR B 137 -10.53 -22.64 11.26
C TYR B 137 -11.17 -23.69 10.37
N ILE B 138 -10.46 -24.77 10.10
CA ILE B 138 -10.93 -25.94 9.38
C ILE B 138 -10.32 -27.17 10.03
N PRO B 139 -11.11 -28.18 10.42
CA PRO B 139 -10.52 -29.34 11.09
C PRO B 139 -9.74 -30.17 10.10
N LEU B 140 -8.47 -30.45 10.40
CA LEU B 140 -7.65 -31.14 9.41
C LEU B 140 -8.07 -32.60 9.17
N SER B 141 -8.93 -33.15 10.03
CA SER B 141 -9.43 -34.51 9.83
C SER B 141 -10.22 -34.64 8.54
N HIS B 142 -10.90 -33.57 8.11
CA HIS B 142 -11.69 -33.58 6.89
C HIS B 142 -10.84 -33.60 5.63
N LEU B 143 -9.52 -33.52 5.73
CA LEU B 143 -8.68 -33.18 4.59
C LEU B 143 -7.63 -34.24 4.27
N LYS B 144 -7.46 -34.49 2.97
CA LYS B 144 -6.23 -35.06 2.43
C LYS B 144 -5.22 -33.94 2.24
N LEU B 145 -4.04 -34.08 2.84
CA LEU B 145 -3.05 -33.04 2.70
C LEU B 145 -1.83 -33.54 1.91
N PRO B 146 -1.14 -32.66 1.20
CA PRO B 146 -0.02 -33.11 0.37
C PRO B 146 1.10 -33.66 1.23
N PRO B 147 1.93 -34.53 0.70
CA PRO B 147 2.91 -35.24 1.54
C PRO B 147 3.94 -34.34 2.21
N ILE B 148 3.97 -33.05 1.87
CA ILE B 148 5.02 -32.17 2.41
C ILE B 148 4.72 -31.64 3.81
N VAL B 149 3.47 -31.75 4.29
CA VAL B 149 3.20 -31.36 5.66
C VAL B 149 3.51 -32.53 6.60
N TYR B 150 4.13 -33.60 6.07
CA TYR B 150 4.53 -34.78 6.83
C TYR B 150 5.99 -35.10 6.57
N GLU B 151 6.64 -35.73 7.54
CA GLU B 151 7.99 -36.26 7.36
C GLU B 151 7.97 -37.78 7.20
N GLU C 3 1.36 -38.31 -18.38
CA GLU C 3 0.20 -37.43 -18.33
C GLU C 3 0.41 -36.28 -17.34
N PHE C 4 0.20 -35.05 -17.84
CA PHE C 4 0.37 -33.85 -17.02
C PHE C 4 -0.90 -33.42 -16.32
N GLU C 5 -2.06 -33.92 -16.74
CA GLU C 5 -3.26 -33.64 -15.96
C GLU C 5 -3.12 -34.16 -14.53
N HIS C 6 -2.14 -35.04 -14.27
CA HIS C 6 -1.87 -35.47 -12.91
C HIS C 6 -0.97 -34.49 -12.18
N ASP C 7 0.07 -33.99 -12.85
CA ASP C 7 0.86 -32.88 -12.31
C ASP C 7 -0.05 -31.71 -11.89
N LEU C 8 -0.97 -31.33 -12.77
CA LEU C 8 -1.90 -30.25 -12.51
C LEU C 8 -2.87 -30.57 -11.37
N GLU C 9 -3.04 -31.86 -11.03
CA GLU C 9 -3.85 -32.26 -9.88
C GLU C 9 -3.07 -32.29 -8.57
N ARG C 10 -1.74 -32.23 -8.62
CA ARG C 10 -0.97 -32.12 -7.38
C ARG C 10 -0.57 -30.69 -7.08
N LEU C 11 -0.81 -29.76 -8.03
CA LEU C 11 -0.66 -28.33 -7.76
C LEU C 11 -1.89 -27.78 -7.04
N CYS C 12 -3.09 -28.22 -7.43
CA CYS C 12 -4.33 -27.72 -6.86
C CYS C 12 -5.40 -28.82 -6.87
N PHE C 13 -6.04 -29.06 -5.72
CA PHE C 13 -7.02 -30.15 -5.56
C PHE C 13 -8.03 -29.84 -4.46
N ILE C 14 -9.08 -30.66 -4.42
CA ILE C 14 -10.12 -30.57 -3.39
C ILE C 14 -9.71 -31.48 -2.24
N GLY C 15 -9.35 -30.90 -1.11
CA GLY C 15 -8.83 -31.73 -0.05
C GLY C 15 -9.87 -32.21 0.96
N GLY C 16 -11.03 -31.55 1.00
CA GLY C 16 -11.98 -31.86 2.05
C GLY C 16 -13.21 -30.99 1.91
N TYR C 17 -14.03 -30.95 2.99
CA TYR C 17 -15.29 -30.23 2.88
C TYR C 17 -15.70 -29.48 4.15
N ASP C 18 -14.75 -29.08 5.01
CA ASP C 18 -14.99 -28.37 6.28
C ASP C 18 -16.23 -28.86 7.06
N ASN C 19 -16.74 -28.02 7.97
CA ASN C 19 -17.81 -28.39 8.88
C ASN C 19 -19.18 -27.83 8.48
N ASP C 20 -19.25 -27.10 7.35
CA ASP C 20 -20.47 -26.54 6.79
C ASP C 20 -20.87 -27.28 5.53
N ASN C 21 -20.06 -28.24 5.08
CA ASN C 21 -20.29 -29.04 3.87
C ASN C 21 -20.06 -28.22 2.59
N ASP C 22 -19.15 -27.25 2.65
CA ASP C 22 -18.69 -26.50 1.50
C ASP C 22 -17.22 -26.81 1.22
N LYS C 23 -16.84 -26.73 -0.05
CA LYS C 23 -15.55 -27.24 -0.53
C LYS C 23 -14.36 -26.50 0.09
N VAL C 24 -13.26 -27.24 0.29
CA VAL C 24 -11.98 -26.70 0.75
C VAL C 24 -10.95 -27.06 -0.30
N ILE C 25 -10.55 -26.11 -1.12
CA ILE C 25 -9.63 -26.38 -2.22
C ILE C 25 -8.22 -25.95 -1.84
N VAL C 26 -7.26 -26.89 -2.01
CA VAL C 26 -5.85 -26.73 -1.67
C VAL C 26 -5.07 -26.35 -2.92
N VAL C 27 -4.09 -25.46 -2.78
CA VAL C 27 -3.11 -25.21 -3.83
C VAL C 27 -1.72 -25.21 -3.20
N VAL C 28 -0.79 -25.97 -3.79
CA VAL C 28 0.54 -26.17 -3.24
C VAL C 28 1.54 -25.45 -4.13
N THR C 29 1.82 -24.19 -3.79
CA THR C 29 2.53 -23.27 -4.70
C THR C 29 3.87 -23.84 -5.16
N LYS C 30 4.61 -24.49 -4.26
CA LYS C 30 5.93 -25.01 -4.59
C LYS C 30 5.87 -25.89 -5.84
N ASN C 31 4.73 -26.55 -6.07
CA ASN C 31 4.53 -27.47 -7.19
C ASN C 31 4.28 -26.76 -8.50
N LEU C 32 4.58 -25.48 -8.59
CA LEU C 32 4.54 -24.85 -9.89
C LEU C 32 5.78 -25.21 -10.72
N GLU C 33 6.73 -25.94 -10.13
CA GLU C 33 7.99 -26.29 -10.76
C GLU C 33 7.90 -27.55 -11.62
N LEU C 34 6.86 -28.37 -11.43
CA LEU C 34 6.67 -29.51 -12.32
C LEU C 34 6.48 -29.05 -13.76
N PHE C 35 5.81 -27.93 -13.96
CA PHE C 35 5.47 -27.50 -15.31
C PHE C 35 6.65 -26.90 -16.08
N LYS C 36 7.82 -26.75 -15.45
CA LYS C 36 8.99 -26.30 -16.20
C LYS C 36 9.38 -27.32 -17.28
N LYS C 37 9.08 -28.62 -17.07
CA LYS C 37 9.50 -29.70 -17.95
C LYS C 37 8.76 -29.73 -19.28
N TYR C 38 7.67 -29.00 -19.41
CA TYR C 38 6.91 -28.96 -20.65
C TYR C 38 7.34 -27.75 -21.48
N ASP C 39 7.15 -27.89 -22.79
CA ASP C 39 7.54 -26.86 -23.75
C ASP C 39 6.30 -26.42 -24.51
N ASP C 40 6.24 -25.13 -24.85
CA ASP C 40 5.10 -24.51 -25.55
C ASP C 40 3.80 -24.84 -24.82
N ILE C 41 3.70 -24.33 -23.58
CA ILE C 41 2.51 -24.45 -22.76
C ILE C 41 2.09 -23.04 -22.38
N ASN C 42 0.84 -22.91 -21.95
CA ASN C 42 0.30 -21.68 -21.41
C ASN C 42 0.35 -21.63 -19.87
N LEU C 43 0.00 -22.74 -19.20
CA LEU C 43 -0.05 -22.92 -17.75
C LEU C 43 -1.21 -22.19 -17.08
N ILE C 44 -1.26 -20.87 -17.19
CA ILE C 44 -2.28 -20.11 -16.47
C ILE C 44 -3.67 -20.39 -17.02
N LYS C 45 -3.79 -20.59 -18.34
CA LYS C 45 -5.08 -21.03 -18.91
C LYS C 45 -5.39 -22.47 -18.53
N GLU C 46 -4.38 -23.37 -18.59
CA GLU C 46 -4.57 -24.72 -18.07
C GLU C 46 -4.99 -24.67 -16.60
N ALA C 47 -4.28 -23.86 -15.80
CA ALA C 47 -4.62 -23.68 -14.39
C ALA C 47 -6.03 -23.12 -14.22
N TYR C 48 -6.36 -22.06 -14.97
CA TYR C 48 -7.68 -21.43 -14.81
C TYR C 48 -8.82 -22.40 -15.19
N ASN C 49 -8.69 -23.14 -16.30
CA ASN C 49 -9.80 -24.02 -16.65
C ASN C 49 -9.91 -25.20 -15.69
N HIS C 50 -8.83 -25.53 -14.98
CA HIS C 50 -8.86 -26.63 -14.02
C HIS C 50 -9.59 -26.26 -12.74
N VAL C 51 -9.27 -25.08 -12.19
CA VAL C 51 -10.01 -24.59 -11.03
C VAL C 51 -11.48 -24.40 -11.39
N HIS C 52 -11.77 -24.01 -12.63
CA HIS C 52 -13.14 -23.92 -13.09
C HIS C 52 -13.81 -25.29 -13.04
N LYS C 53 -13.05 -26.36 -13.29
CA LYS C 53 -13.55 -27.73 -13.15
C LYS C 53 -13.79 -28.11 -11.69
N LEU C 54 -12.99 -27.57 -10.75
CA LEU C 54 -13.11 -27.92 -9.33
C LEU C 54 -14.07 -27.03 -8.56
N ILE C 55 -14.32 -25.80 -9.01
CA ILE C 55 -15.33 -24.91 -8.42
C ILE C 55 -16.26 -24.43 -9.54
N GLN C 56 -17.51 -24.87 -9.49
CA GLN C 56 -18.50 -24.30 -10.39
C GLN C 56 -19.06 -23.03 -9.77
N LYS C 57 -19.74 -22.23 -10.60
CA LYS C 57 -20.43 -21.06 -10.10
C LYS C 57 -21.40 -21.46 -8.98
N ASP C 58 -21.68 -20.50 -8.10
CA ASP C 58 -22.63 -20.64 -6.99
C ASP C 58 -22.06 -21.36 -5.78
N GLU C 59 -20.91 -22.04 -5.91
CA GLU C 59 -20.30 -22.73 -4.76
C GLU C 59 -19.51 -21.75 -3.90
N ARG C 60 -19.85 -21.71 -2.60
CA ARG C 60 -18.99 -21.07 -1.59
C ARG C 60 -17.97 -22.08 -1.09
N TYR C 61 -16.69 -21.67 -1.07
CA TYR C 61 -15.59 -22.55 -0.77
C TYR C 61 -14.53 -21.81 0.06
N THR C 62 -13.50 -22.56 0.47
CA THR C 62 -12.34 -22.02 1.16
C THR C 62 -11.10 -22.36 0.37
N ALA C 63 -10.18 -21.40 0.23
CA ALA C 63 -8.91 -21.63 -0.44
C ALA C 63 -7.79 -21.63 0.59
N VAL C 64 -6.83 -22.55 0.43
CA VAL C 64 -5.70 -22.72 1.34
C VAL C 64 -4.43 -22.87 0.50
N PHE C 65 -3.47 -21.95 0.70
CA PHE C 65 -2.22 -21.93 -0.06
C PHE C 65 -1.10 -22.46 0.84
N PHE C 66 -0.53 -23.61 0.49
CA PHE C 66 0.65 -24.16 1.15
C PHE C 66 1.86 -23.55 0.47
N ALA C 67 2.49 -22.59 1.15
CA ALA C 67 3.54 -21.77 0.55
C ALA C 67 4.91 -22.21 0.98
N HIS C 68 5.01 -23.44 1.51
CA HIS C 68 6.30 -24.03 1.86
C HIS C 68 7.23 -23.98 0.66
N ASP C 69 8.43 -23.43 0.89
CA ASP C 69 9.50 -23.39 -0.10
C ASP C 69 9.14 -22.48 -1.29
N SER C 70 8.49 -21.35 -1.01
CA SER C 70 8.22 -20.34 -2.03
C SER C 70 8.00 -18.99 -1.35
N THR C 71 8.14 -17.94 -2.16
CA THR C 71 8.14 -16.57 -1.68
C THR C 71 7.40 -15.67 -2.68
N VAL C 72 7.07 -14.45 -2.23
CA VAL C 72 6.45 -13.38 -2.99
C VAL C 72 7.22 -13.11 -4.29
N PHE C 73 8.50 -13.48 -4.31
CA PHE C 73 9.30 -13.25 -5.51
C PHE C 73 9.36 -14.48 -6.42
N SER C 74 8.91 -15.64 -5.95
CA SER C 74 8.91 -16.85 -6.77
C SER C 74 7.48 -17.38 -6.87
N TYR C 75 7.24 -18.61 -6.41
CA TYR C 75 6.00 -19.31 -6.70
C TYR C 75 4.80 -18.65 -6.03
N LEU C 76 4.89 -18.34 -4.74
CA LEU C 76 3.72 -17.77 -4.07
C LEU C 76 3.31 -16.45 -4.70
N GLY C 77 4.27 -15.69 -5.24
CA GLY C 77 3.91 -14.47 -5.94
C GLY C 77 2.97 -14.72 -7.10
N LEU C 78 3.33 -15.67 -7.97
CA LEU C 78 2.54 -15.91 -9.19
C LEU C 78 1.22 -16.59 -8.89
N SER C 79 1.20 -17.56 -7.95
CA SER C 79 -0.06 -18.19 -7.55
C SER C 79 -1.07 -17.14 -7.11
N LEU C 80 -0.61 -16.19 -6.29
CA LEU C 80 -1.52 -15.18 -5.74
C LEU C 80 -1.87 -14.14 -6.81
N LYS C 81 -0.89 -13.73 -7.62
CA LYS C 81 -1.22 -12.87 -8.74
C LYS C 81 -2.26 -13.56 -9.64
N ALA C 82 -2.06 -14.87 -9.92
CA ALA C 82 -3.02 -15.62 -10.73
C ALA C 82 -4.37 -15.77 -10.03
N TYR C 83 -4.36 -15.99 -8.71
CA TYR C 83 -5.63 -15.99 -7.98
C TYR C 83 -6.32 -14.63 -8.06
N TYR C 84 -5.56 -13.55 -8.17
CA TYR C 84 -6.20 -12.25 -8.25
C TYR C 84 -6.83 -12.00 -9.61
N GLY C 85 -6.25 -12.56 -10.68
CA GLY C 85 -6.78 -12.42 -12.04
C GLY C 85 -8.04 -13.21 -12.35
N MET C 86 -8.52 -14.03 -11.41
CA MET C 86 -9.74 -14.81 -11.58
C MET C 86 -10.97 -13.93 -11.72
N ASP C 87 -12.01 -14.50 -12.34
CA ASP C 87 -13.30 -13.81 -12.42
C ASP C 87 -13.85 -13.52 -11.02
N TYR C 88 -14.68 -12.48 -10.95
CA TYR C 88 -15.06 -11.93 -9.65
C TYR C 88 -15.78 -12.97 -8.79
N TYR C 89 -16.55 -13.87 -9.41
CA TYR C 89 -17.38 -14.79 -8.65
C TYR C 89 -16.53 -15.70 -7.77
N LEU C 90 -15.29 -15.96 -8.19
CA LEU C 90 -14.36 -16.72 -7.35
C LEU C 90 -13.97 -15.96 -6.10
N HIS C 91 -13.76 -14.64 -6.21
CA HIS C 91 -13.50 -13.80 -5.05
C HIS C 91 -14.75 -13.60 -4.19
N LYS C 92 -15.92 -13.43 -4.82
CA LYS C 92 -17.15 -13.25 -4.06
C LYS C 92 -17.49 -14.49 -3.25
N ASN C 93 -17.17 -15.68 -3.78
CA ASN C 93 -17.64 -16.95 -3.24
C ASN C 93 -16.62 -17.65 -2.34
N VAL C 94 -15.59 -16.96 -1.84
CA VAL C 94 -14.68 -17.60 -0.91
C VAL C 94 -15.10 -17.21 0.49
N LYS C 95 -15.12 -18.19 1.39
CA LYS C 95 -15.25 -17.84 2.79
C LYS C 95 -13.96 -17.21 3.33
N ALA C 96 -12.80 -17.76 2.97
CA ALA C 96 -11.52 -17.28 3.48
C ALA C 96 -10.40 -17.85 2.63
N VAL C 97 -9.30 -17.10 2.51
CA VAL C 97 -8.06 -17.60 1.93
C VAL C 97 -7.05 -17.78 3.06
N TYR C 98 -6.34 -18.91 3.07
CA TYR C 98 -5.28 -19.16 4.04
C TYR C 98 -3.97 -19.32 3.29
N VAL C 99 -2.96 -18.53 3.65
CA VAL C 99 -1.59 -18.80 3.23
C VAL C 99 -0.85 -19.40 4.43
N ILE C 100 -0.26 -20.57 4.24
CA ILE C 100 0.43 -21.30 5.31
C ILE C 100 1.91 -21.30 5.01
N HIS C 101 2.71 -20.79 5.95
CA HIS C 101 4.16 -21.02 6.00
C HIS C 101 4.95 -20.51 4.79
N THR C 102 5.40 -19.27 4.82
CA THR C 102 6.28 -18.81 3.76
C THR C 102 7.53 -18.23 4.42
N ASP C 103 8.44 -17.58 3.69
CA ASP C 103 9.64 -17.04 4.31
C ASP C 103 9.30 -15.76 5.07
N TRP C 104 10.31 -15.16 5.71
CA TRP C 104 10.07 -14.07 6.64
C TRP C 104 9.58 -12.83 5.91
N MET C 105 10.35 -12.36 4.91
CA MET C 105 9.87 -11.33 3.99
C MET C 105 8.38 -11.44 3.67
N SER C 106 7.99 -12.56 3.06
CA SER C 106 6.64 -12.70 2.55
C SER C 106 5.61 -12.74 3.67
N LYS C 107 5.93 -13.41 4.78
CA LYS C 107 5.11 -13.26 5.99
C LYS C 107 4.83 -11.80 6.26
N VAL C 108 5.85 -10.94 6.40
CA VAL C 108 5.54 -9.57 6.81
C VAL C 108 4.96 -8.76 5.64
N ALA C 109 5.28 -9.14 4.40
CA ALA C 109 4.56 -8.57 3.25
C ALA C 109 3.06 -8.85 3.34
N ILE C 110 2.69 -10.11 3.61
CA ILE C 110 1.27 -10.46 3.68
C ILE C 110 0.60 -9.75 4.86
N ARG C 111 1.17 -9.84 6.05
CA ARG C 111 0.50 -9.24 7.21
C ARG C 111 0.33 -7.73 7.02
N THR C 112 1.24 -7.08 6.30
CA THR C 112 1.06 -5.65 6.04
C THR C 112 -0.14 -5.41 5.12
N LEU C 113 -0.22 -6.15 4.01
CA LEU C 113 -1.35 -6.02 3.10
C LEU C 113 -2.68 -6.29 3.80
N LEU C 114 -2.75 -7.40 4.55
CA LEU C 114 -3.95 -7.69 5.32
C LEU C 114 -4.26 -6.61 6.33
N SER C 115 -3.23 -5.96 6.90
CA SER C 115 -3.52 -5.04 7.99
C SER C 115 -3.96 -3.68 7.48
N ILE C 116 -3.42 -3.23 6.34
CA ILE C 116 -3.99 -2.10 5.63
C ILE C 116 -5.48 -2.34 5.38
N ALA C 117 -5.86 -3.60 5.08
CA ALA C 117 -7.25 -3.92 4.80
C ALA C 117 -8.11 -4.12 6.05
N SER C 118 -7.53 -4.24 7.25
CA SER C 118 -8.36 -4.54 8.42
C SER C 118 -8.94 -3.25 9.00
N ALA C 119 -10.20 -2.97 8.67
CA ALA C 119 -10.87 -1.83 9.27
C ALA C 119 -11.01 -1.98 10.78
N LYS C 120 -11.31 -3.20 11.27
CA LYS C 120 -11.39 -3.43 12.71
C LYS C 120 -10.17 -2.86 13.43
N PHE C 121 -9.00 -2.98 12.81
CA PHE C 121 -7.74 -2.54 13.38
C PHE C 121 -7.43 -1.07 13.08
N THR C 122 -7.57 -0.61 11.83
CA THR C 122 -7.21 0.79 11.55
C THR C 122 -8.16 1.75 12.26
N ARG C 123 -9.31 1.29 12.74
CA ARG C 123 -10.14 2.16 13.57
C ARG C 123 -9.49 2.43 14.92
N LYS C 124 -8.67 1.50 15.42
CA LYS C 124 -8.12 1.60 16.78
C LYS C 124 -7.12 2.75 16.94
N PHE C 125 -6.63 3.33 15.85
CA PHE C 125 -5.69 4.45 15.91
C PHE C 125 -6.38 5.75 16.36
N ARG C 126 -5.58 6.65 16.93
CA ARG C 126 -6.07 7.92 17.47
C ARG C 126 -4.89 8.90 17.46
N TYR C 127 -4.99 9.94 16.63
CA TYR C 127 -3.84 10.77 16.29
C TYR C 127 -3.91 12.06 17.10
N LEU C 128 -3.03 12.16 18.10
CA LEU C 128 -2.96 13.29 19.03
C LEU C 128 -1.77 14.18 18.69
N ASN C 129 -1.82 15.40 19.21
CA ASN C 129 -0.86 16.44 18.81
C ASN C 129 0.30 16.64 19.78
N SER C 130 0.12 16.31 21.06
CA SER C 130 1.27 16.24 21.96
C SER C 130 0.92 15.40 23.18
N ILE C 131 1.96 15.08 23.95
CA ILE C 131 1.89 14.26 25.16
C ILE C 131 0.71 14.69 26.02
N SER C 132 0.51 16.01 26.12
CA SER C 132 -0.58 16.59 26.90
C SER C 132 -1.93 15.95 26.57
N ASP C 133 -2.26 15.89 25.27
CA ASP C 133 -3.56 15.37 24.86
C ASP C 133 -3.72 13.87 25.17
N LEU C 134 -2.63 13.16 25.50
CA LEU C 134 -2.73 11.75 25.86
C LEU C 134 -3.25 11.57 27.28
N ASN C 135 -3.01 12.56 28.15
CA ASN C 135 -3.41 12.45 29.56
C ASN C 135 -4.88 12.09 29.73
N LYS C 136 -5.71 12.40 28.73
CA LYS C 136 -7.15 12.14 28.86
C LYS C 136 -7.45 10.65 28.84
N TYR C 137 -6.70 9.85 28.06
CA TYR C 137 -6.99 8.43 27.86
C TYR C 137 -6.14 7.53 28.76
N ILE C 138 -4.83 7.70 28.69
CA ILE C 138 -3.88 6.99 29.54
C ILE C 138 -3.24 8.03 30.46
N PRO C 139 -3.41 7.93 31.78
CA PRO C 139 -2.81 8.92 32.69
C PRO C 139 -1.29 8.95 32.62
N LEU C 140 -0.73 10.16 32.38
CA LEU C 140 0.73 10.33 32.33
C LEU C 140 1.41 10.04 33.67
N SER C 141 0.68 10.10 34.78
CA SER C 141 1.19 9.66 36.07
C SER C 141 1.38 8.13 36.17
N HIS C 142 0.85 7.37 35.20
CA HIS C 142 1.00 5.92 35.19
C HIS C 142 2.21 5.45 34.39
N LEU C 143 2.94 6.36 33.75
CA LEU C 143 3.99 5.97 32.81
C LEU C 143 5.33 6.54 33.24
N LYS C 144 6.34 5.67 33.25
CA LYS C 144 7.73 6.12 33.25
C LYS C 144 8.16 6.30 31.81
N LEU C 145 8.55 7.52 31.45
CA LEU C 145 8.97 7.79 30.09
C LEU C 145 10.29 8.53 30.12
N PRO C 146 11.12 8.34 29.09
CA PRO C 146 12.37 9.11 29.00
C PRO C 146 12.07 10.57 28.81
N PRO C 147 13.07 11.45 28.97
CA PRO C 147 12.80 12.90 28.83
C PRO C 147 12.52 13.33 27.38
N ILE C 148 12.97 12.56 26.38
CA ILE C 148 12.80 12.91 24.97
C ILE C 148 11.34 13.23 24.65
N VAL C 149 10.40 12.46 25.23
CA VAL C 149 8.97 12.64 25.00
C VAL C 149 8.41 13.88 25.72
N TYR C 150 9.29 14.79 26.17
CA TYR C 150 8.93 15.98 26.99
C TYR C 150 9.90 17.12 26.62
N GLU C 151 9.64 17.78 25.49
CA GLU C 151 10.50 18.90 25.05
C GLU C 151 9.90 19.56 23.80
N GLU D 3 -37.35 17.71 -3.40
CA GLU D 3 -37.06 17.90 -1.97
C GLU D 3 -35.60 17.52 -1.64
N PHE D 4 -35.41 16.35 -1.02
CA PHE D 4 -34.10 15.72 -0.78
C PHE D 4 -33.63 14.91 -1.99
N GLU D 5 -34.52 14.13 -2.63
CA GLU D 5 -34.22 13.62 -3.96
C GLU D 5 -33.80 14.75 -4.87
N HIS D 6 -34.17 15.99 -4.49
CA HIS D 6 -33.72 17.20 -5.15
C HIS D 6 -32.43 17.75 -4.52
N ASP D 7 -31.59 16.89 -3.94
CA ASP D 7 -30.27 17.30 -3.45
C ASP D 7 -29.21 16.24 -3.81
N LEU D 8 -29.44 15.48 -4.88
CA LEU D 8 -28.58 14.37 -5.30
C LEU D 8 -28.08 14.57 -6.72
N GLU D 9 -28.99 14.89 -7.65
CA GLU D 9 -28.65 15.33 -8.99
C GLU D 9 -27.61 16.46 -9.01
N ARG D 10 -27.48 17.21 -7.90
CA ARG D 10 -26.42 18.22 -7.77
C ARG D 10 -25.10 17.64 -7.29
N LEU D 11 -25.12 16.40 -6.80
CA LEU D 11 -23.92 15.65 -6.41
C LEU D 11 -23.51 14.59 -7.43
N CYS D 12 -24.44 14.09 -8.25
CA CYS D 12 -24.13 13.08 -9.25
C CYS D 12 -25.10 13.19 -10.42
N PHE D 13 -24.58 13.43 -11.63
CA PHE D 13 -25.42 13.58 -12.82
C PHE D 13 -24.72 13.02 -14.04
N ILE D 14 -25.52 12.67 -15.07
CA ILE D 14 -24.99 12.23 -16.35
C ILE D 14 -24.57 13.47 -17.14
N GLY D 15 -23.37 13.95 -16.90
CA GLY D 15 -22.98 15.22 -17.50
C GLY D 15 -22.86 15.20 -19.01
N GLY D 16 -22.79 14.02 -19.63
CA GLY D 16 -22.71 13.99 -21.09
C GLY D 16 -22.29 12.62 -21.59
N TYR D 17 -21.83 12.61 -22.86
CA TYR D 17 -21.37 11.40 -23.54
C TYR D 17 -20.04 11.67 -24.25
N ASP D 18 -19.18 10.65 -24.28
CA ASP D 18 -17.90 10.70 -24.97
C ASP D 18 -18.10 10.45 -26.46
N ASN D 19 -17.00 10.49 -27.21
CA ASN D 19 -17.08 10.23 -28.65
C ASN D 19 -17.55 8.83 -28.99
N ASP D 20 -17.34 7.83 -28.12
CA ASP D 20 -17.75 6.45 -28.40
C ASP D 20 -19.20 6.18 -27.99
N ASN D 21 -19.91 7.22 -27.54
CA ASN D 21 -21.35 7.23 -27.28
C ASN D 21 -21.72 6.46 -26.03
N ASP D 22 -20.93 6.63 -24.97
CA ASP D 22 -21.17 6.03 -23.67
C ASP D 22 -21.21 7.13 -22.60
N LYS D 23 -22.04 6.93 -21.57
CA LYS D 23 -22.24 7.94 -20.52
C LYS D 23 -20.93 8.41 -19.89
N VAL D 24 -21.01 9.59 -19.26
CA VAL D 24 -19.98 10.04 -18.34
C VAL D 24 -20.70 10.61 -17.11
N ILE D 25 -20.33 10.14 -15.92
CA ILE D 25 -21.04 10.44 -14.69
C ILE D 25 -20.17 11.40 -13.88
N VAL D 26 -20.70 12.56 -13.58
CA VAL D 26 -20.00 13.53 -12.75
C VAL D 26 -20.38 13.30 -11.30
N VAL D 27 -19.40 13.33 -10.42
CA VAL D 27 -19.63 13.38 -8.98
C VAL D 27 -18.90 14.62 -8.48
N VAL D 28 -19.59 15.46 -7.74
CA VAL D 28 -18.93 16.62 -7.15
C VAL D 28 -18.91 16.39 -5.64
N THR D 29 -17.77 15.89 -5.16
CA THR D 29 -17.67 15.38 -3.78
C THR D 29 -18.01 16.46 -2.78
N LYS D 30 -17.60 17.70 -3.05
CA LYS D 30 -17.92 18.82 -2.15
C LYS D 30 -19.42 18.82 -1.83
N ASN D 31 -20.29 18.81 -2.85
CA ASN D 31 -21.74 18.82 -2.62
C ASN D 31 -22.25 17.61 -1.85
N LEU D 32 -21.86 17.47 -0.57
CA LEU D 32 -22.22 16.32 0.25
C LEU D 32 -22.68 16.69 1.67
N GLU D 33 -22.61 17.97 2.05
CA GLU D 33 -23.10 18.57 3.30
C GLU D 33 -24.54 19.07 3.16
N LEU D 34 -25.06 19.08 1.93
CA LEU D 34 -26.50 19.29 1.76
C LEU D 34 -27.30 18.21 2.41
N PHE D 35 -26.68 17.42 3.27
CA PHE D 35 -27.35 16.32 3.95
C PHE D 35 -27.21 16.37 5.46
N LYS D 36 -26.25 17.14 6.00
CA LYS D 36 -26.17 17.34 7.45
C LYS D 36 -27.46 17.92 8.01
N LYS D 37 -28.35 18.44 7.15
CA LYS D 37 -29.56 19.16 7.52
C LYS D 37 -30.81 18.28 7.49
N TYR D 38 -30.67 16.97 7.46
CA TYR D 38 -31.81 16.11 7.18
C TYR D 38 -32.25 15.23 8.35
N ASP D 39 -31.30 14.58 9.02
CA ASP D 39 -31.59 13.59 10.06
C ASP D 39 -32.42 12.42 9.52
N ASP D 40 -32.31 11.25 10.16
CA ASP D 40 -32.91 9.98 9.73
C ASP D 40 -32.24 9.43 8.48
N ILE D 41 -32.26 10.22 7.39
CA ILE D 41 -31.66 9.92 6.08
C ILE D 41 -30.42 9.06 6.22
N ASN D 42 -30.35 7.97 5.47
CA ASN D 42 -29.16 7.11 5.55
C ASN D 42 -28.03 7.57 4.62
N LEU D 43 -28.37 8.22 3.50
CA LEU D 43 -27.45 8.88 2.56
C LEU D 43 -26.70 7.90 1.66
N ILE D 44 -26.07 6.90 2.26
CA ILE D 44 -25.24 5.98 1.46
C ILE D 44 -26.13 5.09 0.59
N LYS D 45 -27.25 4.59 1.12
CA LYS D 45 -28.14 3.73 0.33
C LYS D 45 -28.97 4.56 -0.67
N GLU D 46 -29.45 5.73 -0.25
CA GLU D 46 -30.12 6.62 -1.19
C GLU D 46 -29.21 6.92 -2.37
N ALA D 47 -27.90 7.10 -2.09
CA ALA D 47 -26.92 7.39 -3.13
C ALA D 47 -26.75 6.23 -4.09
N TYR D 48 -26.50 5.03 -3.54
CA TYR D 48 -26.39 3.84 -4.38
C TYR D 48 -27.64 3.66 -5.25
N ASN D 49 -28.83 3.90 -4.67
CA ASN D 49 -30.05 3.81 -5.46
C ASN D 49 -30.05 4.82 -6.60
N HIS D 50 -29.73 6.09 -6.29
CA HIS D 50 -29.66 7.13 -7.31
C HIS D 50 -28.76 6.71 -8.47
N VAL D 51 -27.51 6.35 -8.18
CA VAL D 51 -26.54 5.98 -9.21
C VAL D 51 -27.01 4.76 -9.99
N HIS D 52 -27.70 3.83 -9.32
CA HIS D 52 -28.21 2.65 -10.02
C HIS D 52 -29.23 3.04 -11.09
N LYS D 53 -29.89 4.19 -10.91
CA LYS D 53 -30.85 4.74 -11.84
C LYS D 53 -30.21 5.52 -13.00
N LEU D 54 -28.88 5.75 -12.98
CA LEU D 54 -28.15 6.42 -14.07
C LEU D 54 -27.24 5.50 -14.88
N ILE D 55 -26.88 4.33 -14.37
CA ILE D 55 -26.07 3.35 -15.10
C ILE D 55 -26.83 2.03 -15.06
N GLN D 56 -27.32 1.61 -16.23
CA GLN D 56 -27.92 0.29 -16.39
C GLN D 56 -26.85 -0.80 -16.29
N LYS D 57 -27.29 -2.02 -15.95
CA LYS D 57 -26.36 -3.11 -15.62
C LYS D 57 -25.32 -3.36 -16.72
N ASP D 58 -25.75 -3.54 -17.97
CA ASP D 58 -24.85 -3.74 -19.11
C ASP D 58 -24.72 -2.36 -19.73
N GLU D 59 -23.68 -1.62 -19.35
CA GLU D 59 -23.48 -0.25 -19.80
C GLU D 59 -22.11 0.31 -19.40
N ARG D 60 -21.25 0.52 -20.40
CA ARG D 60 -19.91 1.09 -20.21
C ARG D 60 -19.99 2.60 -20.07
N TYR D 61 -19.31 3.13 -19.05
CA TYR D 61 -19.39 4.56 -18.75
C TYR D 61 -18.05 5.07 -18.26
N THR D 62 -17.93 6.38 -18.16
CA THR D 62 -16.80 6.99 -17.49
C THR D 62 -17.30 7.63 -16.19
N ALA D 63 -16.41 7.85 -15.23
CA ALA D 63 -16.73 8.55 -13.99
C ALA D 63 -15.66 9.61 -13.72
N VAL D 64 -16.05 10.86 -13.48
CA VAL D 64 -15.12 11.91 -13.09
C VAL D 64 -15.55 12.47 -11.73
N PHE D 65 -14.58 12.60 -10.83
CA PHE D 65 -14.82 13.13 -9.50
C PHE D 65 -14.23 14.54 -9.45
N PHE D 66 -15.11 15.52 -9.27
CA PHE D 66 -14.68 16.89 -9.03
C PHE D 66 -14.40 17.00 -7.54
N ALA D 67 -13.11 16.90 -7.18
CA ALA D 67 -12.70 16.80 -5.79
C ALA D 67 -12.31 18.13 -5.22
N HIS D 68 -12.69 19.23 -5.89
CA HIS D 68 -12.59 20.58 -5.33
C HIS D 68 -13.20 20.60 -3.93
N ASP D 69 -12.40 21.09 -2.96
CA ASP D 69 -12.81 21.27 -1.56
C ASP D 69 -13.14 19.95 -0.85
N SER D 70 -12.20 19.00 -0.94
CA SER D 70 -12.30 17.72 -0.26
C SER D 70 -10.93 17.04 -0.25
N THR D 71 -10.67 16.26 0.81
CA THR D 71 -9.43 15.51 1.01
C THR D 71 -9.75 14.02 1.09
N VAL D 72 -8.73 13.20 1.36
CA VAL D 72 -8.98 11.79 1.66
C VAL D 72 -9.66 11.62 3.01
N PHE D 73 -9.72 12.68 3.84
CA PHE D 73 -10.28 12.61 5.19
C PHE D 73 -11.68 13.18 5.28
N SER D 74 -12.23 13.65 4.16
CA SER D 74 -13.59 14.14 4.09
C SER D 74 -14.11 13.92 2.67
N TYR D 75 -15.42 14.00 2.51
CA TYR D 75 -16.05 14.10 1.19
C TYR D 75 -15.46 13.21 0.09
N LEU D 76 -14.21 13.49 -0.35
CA LEU D 76 -13.55 12.66 -1.37
C LEU D 76 -13.23 11.27 -0.83
N GLY D 77 -12.81 11.18 0.43
CA GLY D 77 -12.53 9.88 1.01
C GLY D 77 -13.78 9.01 1.09
N LEU D 78 -14.92 9.62 1.45
CA LEU D 78 -16.18 8.86 1.54
C LEU D 78 -16.75 8.55 0.16
N SER D 79 -16.65 9.49 -0.78
CA SER D 79 -17.10 9.25 -2.15
C SER D 79 -16.33 8.12 -2.80
N LEU D 80 -15.07 7.92 -2.40
CA LEU D 80 -14.30 6.82 -2.96
C LEU D 80 -14.50 5.54 -2.18
N LYS D 81 -14.53 5.62 -0.84
CA LYS D 81 -14.92 4.44 -0.08
C LYS D 81 -16.27 3.95 -0.57
N ALA D 82 -17.20 4.88 -0.86
CA ALA D 82 -18.50 4.50 -1.37
C ALA D 82 -18.42 3.91 -2.78
N TYR D 83 -17.66 4.55 -3.67
CA TYR D 83 -17.47 3.98 -5.01
C TYR D 83 -16.87 2.58 -4.93
N TYR D 84 -15.96 2.34 -3.98
CA TYR D 84 -15.40 1.02 -3.85
C TYR D 84 -16.41 0.00 -3.35
N GLY D 85 -17.39 0.45 -2.55
CA GLY D 85 -18.40 -0.44 -1.99
C GLY D 85 -19.44 -0.96 -2.97
N MET D 86 -19.37 -0.57 -4.23
CA MET D 86 -20.41 -0.81 -5.22
C MET D 86 -20.27 -2.20 -5.86
N ASP D 87 -21.39 -2.71 -6.37
CA ASP D 87 -21.43 -4.01 -7.03
C ASP D 87 -20.40 -4.07 -8.17
N TYR D 88 -19.92 -5.29 -8.44
CA TYR D 88 -18.73 -5.43 -9.26
C TYR D 88 -18.94 -4.93 -10.69
N TYR D 89 -20.18 -4.86 -11.16
CA TYR D 89 -20.36 -4.50 -12.56
C TYR D 89 -20.05 -3.03 -12.78
N LEU D 90 -20.21 -2.19 -11.76
CA LEU D 90 -19.83 -0.79 -11.92
C LEU D 90 -18.32 -0.63 -12.10
N HIS D 91 -17.54 -1.53 -11.48
CA HIS D 91 -16.08 -1.52 -11.64
C HIS D 91 -15.66 -2.20 -12.94
N LYS D 92 -16.34 -3.28 -13.32
CA LYS D 92 -16.02 -3.87 -14.62
C LYS D 92 -16.31 -2.89 -15.76
N ASN D 93 -17.36 -2.07 -15.61
CA ASN D 93 -17.93 -1.35 -16.75
C ASN D 93 -17.30 0.01 -17.03
N VAL D 94 -16.87 0.75 -15.99
CA VAL D 94 -16.14 2.00 -16.23
C VAL D 94 -15.03 1.80 -17.24
N LYS D 95 -14.87 2.80 -18.10
CA LYS D 95 -13.68 2.87 -18.93
C LYS D 95 -12.55 3.56 -18.19
N ALA D 96 -12.87 4.56 -17.35
CA ALA D 96 -11.87 5.31 -16.62
C ALA D 96 -12.54 5.98 -15.41
N VAL D 97 -11.72 6.40 -14.45
CA VAL D 97 -12.20 7.19 -13.31
C VAL D 97 -11.24 8.37 -13.17
N TYR D 98 -11.73 9.59 -13.41
CA TYR D 98 -10.91 10.78 -13.26
C TYR D 98 -11.21 11.42 -11.91
N VAL D 99 -10.16 11.75 -11.18
CA VAL D 99 -10.27 12.59 -9.99
C VAL D 99 -9.60 13.91 -10.32
N ILE D 100 -10.35 15.01 -10.14
CA ILE D 100 -9.92 16.34 -10.59
C ILE D 100 -9.67 17.19 -9.35
N HIS D 101 -8.46 17.74 -9.25
CA HIS D 101 -8.18 18.91 -8.42
C HIS D 101 -8.52 18.71 -6.93
N THR D 102 -7.68 18.02 -6.20
CA THR D 102 -7.82 17.89 -4.76
C THR D 102 -6.61 18.58 -4.10
N ASP D 103 -6.49 18.47 -2.77
CA ASP D 103 -5.38 19.11 -2.05
C ASP D 103 -4.06 18.32 -2.22
N TRP D 104 -2.96 18.91 -1.75
CA TRP D 104 -1.63 18.35 -2.06
C TRP D 104 -1.45 16.97 -1.46
N MET D 105 -1.85 16.80 -0.19
CA MET D 105 -1.85 15.47 0.43
C MET D 105 -2.54 14.44 -0.46
N SER D 106 -3.83 14.63 -0.70
CA SER D 106 -4.60 13.63 -1.43
C SER D 106 -4.04 13.39 -2.81
N LYS D 107 -3.65 14.45 -3.53
CA LYS D 107 -2.99 14.28 -4.81
C LYS D 107 -1.86 13.28 -4.70
N VAL D 108 -1.04 13.41 -3.64
CA VAL D 108 0.11 12.50 -3.48
C VAL D 108 -0.37 11.10 -3.09
N ALA D 109 -1.38 11.02 -2.22
CA ALA D 109 -1.98 9.73 -1.86
C ALA D 109 -2.53 9.01 -3.08
N ILE D 110 -3.25 9.73 -3.93
CA ILE D 110 -3.84 9.13 -5.13
C ILE D 110 -2.75 8.67 -6.10
N ARG D 111 -1.77 9.52 -6.36
CA ARG D 111 -0.72 9.14 -7.30
C ARG D 111 0.04 7.92 -6.79
N THR D 112 0.22 7.82 -5.48
CA THR D 112 0.95 6.67 -4.92
C THR D 112 0.16 5.38 -5.13
N LEU D 113 -1.15 5.40 -4.84
CA LEU D 113 -1.96 4.20 -5.04
C LEU D 113 -1.97 3.77 -6.51
N LEU D 114 -2.15 4.73 -7.42
CA LEU D 114 -2.13 4.42 -8.84
C LEU D 114 -0.78 3.87 -9.28
N SER D 115 0.31 4.34 -8.66
CA SER D 115 1.61 3.93 -9.15
C SER D 115 2.02 2.56 -8.63
N ILE D 116 1.56 2.19 -7.43
CA ILE D 116 1.61 0.78 -7.05
C ILE D 116 0.81 -0.05 -8.05
N ALA D 117 -0.41 0.40 -8.39
CA ALA D 117 -1.25 -0.33 -9.34
C ALA D 117 -0.56 -0.50 -10.70
N SER D 118 0.02 0.59 -11.22
CA SER D 118 0.59 0.60 -12.58
C SER D 118 1.69 -0.42 -12.85
N ALA D 119 1.31 -1.54 -13.49
CA ALA D 119 2.29 -2.55 -13.88
C ALA D 119 3.31 -2.02 -14.88
N LYS D 120 2.88 -1.19 -15.84
CA LYS D 120 3.84 -0.66 -16.79
C LYS D 120 4.97 0.07 -16.07
N PHE D 121 4.64 0.78 -14.98
CA PHE D 121 5.65 1.52 -14.23
C PHE D 121 6.58 0.58 -13.45
N THR D 122 6.02 -0.27 -12.59
CA THR D 122 6.86 -1.11 -11.73
C THR D 122 7.70 -2.10 -12.55
N ARG D 123 7.33 -2.34 -13.80
CA ARG D 123 8.16 -3.15 -14.68
C ARG D 123 9.54 -2.52 -14.89
N LYS D 124 9.66 -1.19 -14.77
CA LYS D 124 10.85 -0.46 -15.20
C LYS D 124 11.98 -0.46 -14.15
N PHE D 125 11.75 -0.99 -12.96
CA PHE D 125 12.78 -1.06 -11.93
C PHE D 125 13.73 -2.22 -12.20
N ARG D 126 15.03 -1.99 -11.98
CA ARG D 126 16.05 -3.05 -12.07
C ARG D 126 16.95 -2.93 -10.84
N TYR D 127 16.93 -3.94 -9.97
CA TYR D 127 17.63 -3.81 -8.68
C TYR D 127 19.02 -4.43 -8.83
N LEU D 128 20.04 -3.57 -8.96
CA LEU D 128 21.43 -3.97 -9.02
C LEU D 128 22.04 -3.98 -7.63
N ASN D 129 23.07 -4.83 -7.46
CA ASN D 129 23.59 -5.10 -6.13
C ASN D 129 24.60 -4.05 -5.68
N SER D 130 25.38 -3.51 -6.61
CA SER D 130 26.28 -2.39 -6.30
C SER D 130 26.52 -1.60 -7.58
N ILE D 131 27.28 -0.49 -7.42
CA ILE D 131 27.41 0.50 -8.49
C ILE D 131 28.09 -0.08 -9.72
N SER D 132 28.91 -1.12 -9.50
CA SER D 132 29.62 -1.78 -10.61
C SER D 132 28.65 -2.32 -11.64
N ASP D 133 27.55 -2.95 -11.19
CA ASP D 133 26.59 -3.53 -12.14
C ASP D 133 25.84 -2.47 -12.93
N LEU D 134 25.82 -1.22 -12.44
CA LEU D 134 25.18 -0.16 -13.21
C LEU D 134 25.93 0.08 -14.52
N ASN D 135 27.19 -0.33 -14.59
CA ASN D 135 28.03 0.00 -15.75
C ASN D 135 27.52 -0.61 -17.05
N LYS D 136 26.91 -1.80 -16.99
CA LYS D 136 26.45 -2.41 -18.24
C LYS D 136 25.27 -1.66 -18.84
N TYR D 137 24.49 -0.96 -18.01
CA TYR D 137 23.30 -0.23 -18.49
C TYR D 137 23.59 1.24 -18.73
N ILE D 138 24.03 1.97 -17.72
CA ILE D 138 24.40 3.37 -17.87
C ILE D 138 25.91 3.47 -17.62
N PRO D 139 26.70 3.84 -18.64
CA PRO D 139 28.16 3.83 -18.46
C PRO D 139 28.63 4.88 -17.46
N LEU D 140 29.42 4.45 -16.46
CA LEU D 140 29.95 5.37 -15.46
C LEU D 140 30.95 6.39 -16.00
N SER D 141 31.44 6.24 -17.24
CA SER D 141 32.14 7.32 -17.93
C SER D 141 31.28 8.58 -18.03
N HIS D 142 29.95 8.41 -18.03
CA HIS D 142 28.99 9.48 -18.29
C HIS D 142 28.51 10.22 -17.04
N LEU D 143 28.96 9.87 -15.84
CA LEU D 143 28.32 10.38 -14.62
C LEU D 143 29.29 11.15 -13.73
N LYS D 144 28.89 12.36 -13.35
CA LYS D 144 29.47 13.03 -12.19
C LYS D 144 28.80 12.49 -10.95
N LEU D 145 29.58 11.92 -10.03
CA LEU D 145 28.98 11.39 -8.82
C LEU D 145 29.78 11.82 -7.61
N PRO D 146 29.12 12.04 -6.48
CA PRO D 146 29.83 12.30 -5.23
C PRO D 146 30.65 11.08 -4.84
N PRO D 147 31.68 11.26 -4.01
CA PRO D 147 32.52 10.11 -3.63
C PRO D 147 31.80 9.09 -2.76
N ILE D 148 30.70 9.48 -2.11
CA ILE D 148 29.94 8.56 -1.24
C ILE D 148 29.49 7.31 -1.99
N VAL D 149 29.09 7.44 -3.27
CA VAL D 149 28.54 6.33 -4.05
C VAL D 149 29.64 5.33 -4.41
N TYR D 150 30.83 5.53 -3.86
CA TYR D 150 31.97 4.67 -4.28
C TYR D 150 32.72 4.09 -3.07
N GLU D 151 32.22 4.35 -1.86
CA GLU D 151 32.86 3.80 -0.64
C GLU D 151 32.23 2.43 -0.31
O1 PG4 E . 13.51 11.06 -9.01
C1 PG4 E . 13.21 10.61 -7.67
C2 PG4 E . 12.78 11.74 -6.75
O2 PG4 E . 12.74 11.32 -5.37
C3 PG4 E . 13.41 12.19 -4.44
C4 PG4 E . 13.54 11.53 -3.09
O3 PG4 E . 13.56 12.45 -1.99
C5 PG4 E . 13.06 11.82 -0.81
C6 PG4 E . 12.36 12.77 0.15
O4 PG4 E . 12.31 12.16 1.46
C7 PG4 E . 11.27 12.67 2.28
C8 PG4 E . 11.06 11.65 3.38
O5 PG4 E . 10.54 12.22 4.57
O1 PG4 F . 13.52 0.07 10.11
C1 PG4 F . 12.45 0.40 11.02
C2 PG4 F . 12.18 -0.69 12.04
O2 PG4 F . 11.95 -0.13 13.35
C3 PG4 F . 10.61 -0.22 13.80
C4 PG4 F . 10.48 -0.02 15.28
O3 PG4 F . 9.11 -0.11 15.71
C5 PG4 F . 8.85 -1.41 16.25
C6 PG4 F . 7.41 -1.85 16.10
O4 PG4 F . 6.69 -1.52 17.30
C7 PG4 F . 5.35 -2.01 17.29
C8 PG4 F . 5.03 -2.53 18.67
O5 PG4 F . 3.80 -2.08 19.23
O1 PG4 G . 2.14 -19.10 -14.48
C1 PG4 G . 1.54 -19.00 -13.18
C2 PG4 G . 0.27 -19.78 -13.09
O2 PG4 G . 0.09 -20.27 -11.77
C3 PG4 G . -1.27 -20.52 -11.42
C4 PG4 G . -1.44 -20.68 -9.93
O3 PG4 G . -2.72 -21.26 -9.62
C5 PG4 G . -3.31 -20.62 -8.48
C6 PG4 G . -4.81 -20.60 -8.59
O4 PG4 G . -5.41 -20.49 -7.29
C7 PG4 G . -6.78 -20.89 -7.27
C8 PG4 G . -7.36 -20.98 -5.88
O5 PG4 G . -8.77 -21.24 -5.81
O1 PG4 H . -20.24 6.48 -10.00
C1 PG4 H . -19.76 7.13 -8.81
C2 PG4 H . -20.73 7.09 -7.64
O2 PG4 H . -20.08 7.37 -6.38
C3 PG4 H . -20.96 7.69 -5.30
C4 PG4 H . -20.31 8.56 -4.25
O3 PG4 H . -21.23 9.07 -3.27
C5 PG4 H . -20.69 9.01 -1.96
C6 PG4 H . -21.62 9.53 -0.89
O4 PG4 H . -21.78 8.62 0.21
C7 PG4 H . -21.60 9.34 1.43
C8 PG4 H . -21.61 8.41 2.62
O5 PG4 H . -21.84 9.16 3.80
#